data_5A0C
#
_entry.id   5A0C
#
_cell.length_a   71.517
_cell.length_b   71.517
_cell.length_c   97.400
_cell.angle_alpha   90.00
_cell.angle_beta   90.00
_cell.angle_gamma   120.00
#
_symmetry.space_group_name_H-M   'P 32'
#
loop_
_entity.id
_entity.type
_entity.pdbx_description
1 polymer 'NEUTROPHIL ELASTASE'
2 branched 2-acetamido-2-deoxy-beta-D-glucopyranose-(1-4)-[alpha-L-fucopyranose-(1-6)]2-acetamido-2-deoxy-beta-D-glucopyranose
3 branched alpha-L-fucopyranose-(1-6)-2-acetamido-2-deoxy-beta-D-glucopyranose
4 non-polymer (6S)-6-(4-cyano-2-methylsulfonyl-phenyl)-4-methyl-2-oxidanylidene-3-[3-(trifluoromethyl)phenyl]-1,6-dihydropyrimidine-5-carbonitrile
5 non-polymer '2-(N-MORPHOLINO)-ETHANESULFONIC ACID'
6 non-polymer 3,6,9,12,15,18,21,24,27-NONAOXANONACOSANE-1,29-DIOL
7 water water
#
_entity_poly.entity_id   1
_entity_poly.type   'polypeptide(L)'
_entity_poly.pdbx_seq_one_letter_code
;IVGGRRARPHAWPFMVSLQLRGGHFCGATLIAPNFVMSAAHCVANVNVRAVRVVLGAHNLSRREPTRQVFAVQRIFENGY
DPVNLLNDIVILQLNGSATINANVQVAQLPAQGRRLGNGVQCLAMGWGLLGRNRGIASVLQELNVTVVTSLCRRSNVCTL
VRGRQAGVCFGDSGSPLVCNGLIHGIASFVRGGCASGLYPDAFAPVAQFVNWIDSIIQ
;
_entity_poly.pdbx_strand_id   A,B
#
# COMPACT_ATOMS: atom_id res chain seq x y z
N ILE A 1 -5.34 -4.18 -12.76
CA ILE A 1 -5.05 -5.37 -13.62
C ILE A 1 -4.23 -4.85 -14.79
N VAL A 2 -3.03 -5.40 -15.01
CA VAL A 2 -2.18 -5.07 -16.11
C VAL A 2 -2.33 -6.20 -17.16
N GLY A 3 -2.58 -5.78 -18.39
CA GLY A 3 -2.65 -6.63 -19.55
C GLY A 3 -3.93 -7.45 -19.64
N GLY A 4 -4.99 -6.95 -19.01
CA GLY A 4 -6.29 -7.59 -18.97
C GLY A 4 -7.23 -7.09 -20.11
N ARG A 5 -8.55 -7.11 -19.83
CA ARG A 5 -9.61 -6.59 -20.77
C ARG A 5 -10.79 -6.25 -19.85
N ARG A 6 -11.73 -5.52 -20.33
CA ARG A 6 -12.95 -5.29 -19.65
C ARG A 6 -13.74 -6.52 -19.44
N ALA A 7 -14.22 -6.71 -18.22
CA ALA A 7 -15.29 -7.69 -18.00
C ALA A 7 -16.56 -7.17 -18.71
N ARG A 8 -17.45 -8.08 -19.09
CA ARG A 8 -18.73 -7.71 -19.64
C ARG A 8 -19.46 -7.17 -18.41
N PRO A 9 -20.36 -6.22 -18.59
CA PRO A 9 -20.95 -5.72 -17.35
C PRO A 9 -21.58 -6.78 -16.52
N HIS A 10 -21.33 -6.74 -15.22
CA HIS A 10 -21.97 -7.61 -14.31
C HIS A 10 -21.69 -9.09 -14.56
N ALA A 11 -20.62 -9.44 -15.26
CA ALA A 11 -20.25 -10.86 -15.41
C ALA A 11 -19.90 -11.56 -14.13
N TRP A 12 -19.38 -10.81 -13.14
CA TRP A 12 -18.90 -11.42 -11.90
C TRP A 12 -19.62 -10.76 -10.74
N PRO A 13 -20.91 -11.17 -10.51
CA PRO A 13 -21.79 -10.44 -9.66
C PRO A 13 -21.52 -10.46 -8.16
N PHE A 14 -20.59 -11.29 -7.76
CA PHE A 14 -20.00 -11.29 -6.44
C PHE A 14 -18.82 -10.28 -6.27
N MET A 15 -18.42 -9.55 -7.31
CA MET A 15 -17.29 -8.64 -7.21
C MET A 15 -17.68 -7.40 -6.47
N VAL A 16 -16.85 -6.96 -5.50
CA VAL A 16 -17.15 -5.85 -4.64
C VAL A 16 -16.07 -4.82 -4.73
N SER A 17 -16.47 -3.56 -4.64
CA SER A 17 -15.51 -2.44 -4.58
C SER A 17 -15.58 -1.85 -3.15
N LEU A 18 -14.44 -1.81 -2.43
CA LEU A 18 -14.45 -1.16 -1.14
C LEU A 18 -14.03 0.28 -1.40
N GLN A 19 -14.76 1.25 -0.86
CA GLN A 19 -14.44 2.64 -1.14
C GLN A 19 -14.39 3.48 0.10
N LEU A 20 -13.65 4.56 0.02
CA LEU A 20 -13.57 5.56 1.08
C LEU A 20 -13.63 6.91 0.44
N ARG A 21 -14.45 7.81 0.98
CA ARG A 21 -14.54 9.22 0.50
C ARG A 21 -14.76 9.21 -1.02
N GLY A 22 -15.69 8.30 -1.45
CA GLY A 22 -16.00 7.92 -2.82
C GLY A 22 -14.92 7.25 -3.68
N GLY A 23 -13.72 6.96 -3.15
CA GLY A 23 -12.70 6.31 -3.92
C GLY A 23 -12.50 4.83 -3.63
N HIS A 24 -12.47 4.01 -4.69
CA HIS A 24 -12.09 2.64 -4.67
C HIS A 24 -10.71 2.48 -4.06
N PHE A 25 -10.57 1.60 -3.06
CA PHE A 25 -9.24 1.28 -2.52
C PHE A 25 -8.91 -0.19 -2.51
N CYS A 26 -9.90 -1.08 -2.72
CA CYS A 26 -9.62 -2.49 -2.77
C CYS A 26 -10.90 -3.24 -3.25
N GLY A 27 -10.68 -4.43 -3.78
CA GLY A 27 -11.71 -5.30 -4.11
C GLY A 27 -12.06 -6.17 -2.93
N ALA A 28 -13.21 -6.83 -3.03
CA ALA A 28 -13.70 -7.82 -2.08
C ALA A 28 -14.67 -8.73 -2.87
N THR A 29 -15.20 -9.70 -2.17
CA THR A 29 -16.03 -10.73 -2.75
C THR A 29 -17.22 -10.98 -1.80
N LEU A 30 -18.39 -11.09 -2.37
CA LEU A 30 -19.63 -11.22 -1.58
C LEU A 30 -19.80 -12.66 -1.30
N ILE A 31 -19.77 -12.99 -0.01
CA ILE A 31 -19.77 -14.42 0.41
C ILE A 31 -21.03 -14.89 1.14
N ALA A 32 -21.90 -13.99 1.48
CA ALA A 32 -23.20 -14.22 1.99
C ALA A 32 -23.94 -12.88 1.77
N PRO A 33 -25.32 -12.83 1.93
CA PRO A 33 -25.94 -11.50 1.71
C PRO A 33 -25.33 -10.39 2.56
N ASN A 34 -24.87 -10.73 3.78
CA ASN A 34 -24.39 -9.74 4.75
C ASN A 34 -22.89 -9.90 5.11
N PHE A 35 -22.10 -10.63 4.31
CA PHE A 35 -20.68 -10.72 4.54
C PHE A 35 -19.92 -10.59 3.25
N VAL A 36 -18.91 -9.76 3.29
CA VAL A 36 -17.80 -9.81 2.28
C VAL A 36 -16.44 -10.30 2.79
N MET A 37 -15.61 -10.85 1.89
CA MET A 37 -14.24 -11.10 2.25
C MET A 37 -13.27 -10.35 1.36
N SER A 38 -12.14 -9.98 1.96
CA SER A 38 -11.10 -9.19 1.32
C SER A 38 -9.81 -9.56 1.96
N ALA A 39 -8.78 -8.77 1.65
CA ALA A 39 -7.47 -9.02 2.17
C ALA A 39 -7.31 -8.20 3.41
N ALA A 40 -6.67 -8.74 4.42
CA ALA A 40 -6.35 -8.02 5.61
C ALA A 40 -5.51 -6.79 5.30
N HIS A 41 -4.63 -6.85 4.30
CA HIS A 41 -3.80 -5.63 4.07
C HIS A 41 -4.68 -4.46 3.60
N CYS A 42 -5.86 -4.80 3.18
CA CYS A 42 -6.80 -3.77 2.67
C CYS A 42 -7.36 -2.98 3.79
N VAL A 43 -7.54 -3.57 4.95
CA VAL A 43 -8.17 -2.88 6.07
C VAL A 43 -7.30 -2.58 7.27
N ALA A 44 -6.08 -3.09 7.32
CA ALA A 44 -5.12 -2.83 8.43
C ALA A 44 -5.11 -1.42 9.02
N ASN A 45 -5.03 -0.41 8.24
CA ASN A 45 -4.91 0.91 8.89
C ASN A 45 -5.96 1.83 8.41
N VAL A 46 -7.08 1.24 8.01
CA VAL A 46 -8.14 1.98 7.39
C VAL A 46 -9.06 2.43 8.46
N ASN A 47 -9.83 3.48 8.23
CA ASN A 47 -10.99 3.72 9.12
C ASN A 47 -12.20 2.99 8.66
N VAL A 48 -12.61 1.97 9.42
CA VAL A 48 -13.52 1.06 8.92
C VAL A 48 -14.93 1.63 9.00
N ARG A 49 -15.22 2.46 10.00
CA ARG A 49 -16.53 3.17 10.13
C ARG A 49 -16.88 3.94 8.86
N ALA A 50 -15.89 4.37 8.11
CA ALA A 50 -16.00 5.11 6.87
C ALA A 50 -15.97 4.32 5.57
N VAL A 51 -15.60 3.04 5.63
CA VAL A 51 -15.55 2.21 4.46
C VAL A 51 -16.97 2.04 3.90
N ARG A 52 -17.14 2.25 2.60
CA ARG A 52 -18.40 1.86 1.91
C ARG A 52 -18.18 0.64 1.06
N VAL A 53 -19.09 -0.31 1.17
CA VAL A 53 -18.97 -1.61 0.49
C VAL A 53 -19.97 -1.52 -0.64
N VAL A 54 -19.41 -1.51 -1.86
CA VAL A 54 -20.22 -1.25 -3.08
C VAL A 54 -20.46 -2.54 -3.91
N LEU A 55 -21.68 -3.07 -3.87
CA LEU A 55 -22.06 -4.26 -4.62
C LEU A 55 -22.68 -3.83 -6.00
N GLY A 56 -22.69 -4.71 -6.98
CA GLY A 56 -23.44 -4.47 -8.20
C GLY A 56 -22.76 -3.43 -9.12
N ALA A 57 -21.48 -3.14 -8.89
CA ALA A 57 -20.79 -2.11 -9.70
C ALA A 57 -20.18 -2.66 -10.95
N HIS A 58 -20.01 -1.82 -11.96
CA HIS A 58 -19.20 -2.19 -13.16
C HIS A 58 -18.23 -1.08 -13.53
N ASN A 59 -18.77 0.11 -13.83
CA ASN A 59 -18.00 1.25 -14.21
C ASN A 59 -17.96 2.23 -13.07
N LEU A 60 -16.81 2.31 -12.41
CA LEU A 60 -16.75 3.13 -11.17
C LEU A 60 -16.88 4.64 -11.41
N SER A 61 -16.56 5.14 -12.61
CA SER A 61 -16.64 6.58 -12.91
C SER A 61 -18.05 7.02 -13.30
N ARG A 62 -19.05 6.14 -13.19
CA ARG A 62 -20.45 6.37 -13.57
C ARG A 62 -21.36 6.30 -12.36
N ARG A 63 -22.53 6.90 -12.46
CA ARG A 63 -23.60 6.69 -11.49
C ARG A 63 -24.30 5.44 -11.95
N GLU A 64 -24.41 4.46 -11.08
CA GLU A 64 -24.87 3.18 -11.56
C GLU A 64 -26.05 2.78 -10.67
N PRO A 65 -27.29 2.74 -11.22
CA PRO A 65 -28.44 2.32 -10.41
C PRO A 65 -28.42 0.86 -9.96
N THR A 66 -27.73 -0.01 -10.65
CA THR A 66 -27.58 -1.37 -10.19
C THR A 66 -26.78 -1.56 -8.82
N ARG A 67 -26.23 -0.49 -8.24
CA ARG A 67 -25.38 -0.62 -7.04
C ARG A 67 -26.19 -0.72 -5.76
N GLN A 68 -25.63 -1.43 -4.79
CA GLN A 68 -26.13 -1.51 -3.46
C GLN A 68 -24.94 -1.18 -2.52
N VAL A 69 -25.15 -0.27 -1.57
CA VAL A 69 -24.09 0.27 -0.78
C VAL A 69 -24.35 -0.09 0.70
N PHE A 70 -23.33 -0.71 1.36
CA PHE A 70 -23.35 -1.03 2.83
C PHE A 70 -22.16 -0.43 3.57
N ALA A 71 -22.35 -0.27 4.88
CA ALA A 71 -21.27 0.07 5.78
C ALA A 71 -20.81 -1.23 6.38
N VAL A 72 -19.69 -1.15 7.07
CA VAL A 72 -19.13 -2.32 7.74
C VAL A 72 -19.60 -2.26 9.19
N GLN A 73 -20.26 -3.29 9.64
CA GLN A 73 -20.66 -3.38 11.01
C GLN A 73 -19.55 -3.91 11.89
N ARG A 74 -18.84 -4.95 11.46
CA ARG A 74 -17.65 -5.37 12.14
C ARG A 74 -16.72 -6.14 11.23
N ILE A 75 -15.51 -6.36 11.72
CA ILE A 75 -14.53 -7.14 11.00
C ILE A 75 -14.12 -8.34 11.79
N PHE A 76 -13.82 -9.39 11.05
CA PHE A 76 -13.25 -10.58 11.61
C PHE A 76 -11.93 -10.81 10.93
N GLU A 77 -10.93 -11.12 11.75
CA GLU A 77 -9.53 -11.23 11.34
C GLU A 77 -9.09 -12.61 11.72
N ASN A 78 -8.02 -13.09 11.10
CA ASN A 78 -7.51 -14.39 11.37
C ASN A 78 -5.98 -14.51 11.36
N GLY A 79 -5.33 -13.78 12.28
CA GLY A 79 -3.86 -13.83 12.49
C GLY A 79 -3.04 -13.29 11.31
N TYR A 80 -3.55 -12.21 10.71
CA TYR A 80 -2.81 -11.55 9.65
C TYR A 80 -1.35 -11.27 10.12
N ASP A 81 -0.38 -11.73 9.38
CA ASP A 81 1.04 -11.60 9.75
C ASP A 81 1.80 -11.07 8.49
N PRO A 82 1.76 -9.73 8.29
CA PRO A 82 2.23 -9.21 7.01
C PRO A 82 3.68 -9.45 6.75
N VAL A 83 4.51 -9.37 7.78
CA VAL A 83 5.98 -9.58 7.52
C VAL A 83 6.23 -11.00 7.01
N ASN A 84 5.48 -11.96 7.54
CA ASN A 84 5.59 -13.31 7.04
C ASN A 84 4.62 -13.63 5.90
N LEU A 85 3.82 -12.64 5.47
CA LEU A 85 2.91 -12.81 4.28
C LEU A 85 1.86 -13.92 4.49
N LEU A 86 1.45 -14.11 5.77
CA LEU A 86 0.48 -15.08 6.19
C LEU A 86 -0.91 -14.45 6.50
N ASN A 87 -1.95 -15.23 6.19
CA ASN A 87 -3.34 -15.01 6.63
C ASN A 87 -3.81 -13.62 6.22
N ASP A 88 -3.63 -13.36 4.93
CA ASP A 88 -4.00 -12.08 4.36
C ASP A 88 -5.47 -12.10 3.94
N ILE A 89 -6.32 -12.16 4.95
CA ILE A 89 -7.79 -12.37 4.76
C ILE A 89 -8.56 -11.71 5.91
N VAL A 90 -9.64 -11.04 5.60
CA VAL A 90 -10.55 -10.47 6.54
C VAL A 90 -11.95 -10.73 6.03
N ILE A 91 -12.89 -10.85 6.93
CA ILE A 91 -14.28 -10.74 6.60
C ILE A 91 -14.90 -9.51 7.19
N LEU A 92 -15.65 -8.81 6.37
CA LEU A 92 -16.41 -7.68 6.80
C LEU A 92 -17.88 -7.99 6.87
N GLN A 93 -18.42 -7.79 8.05
CA GLN A 93 -19.85 -7.95 8.22
C GLN A 93 -20.51 -6.66 7.83
N LEU A 94 -21.47 -6.75 6.89
CA LEU A 94 -22.26 -5.59 6.47
C LEU A 94 -23.39 -5.19 7.46
N ASN A 95 -23.82 -3.95 7.39
CA ASN A 95 -24.86 -3.37 8.22
C ASN A 95 -26.26 -3.70 7.70
N GLY A 96 -26.39 -4.67 6.81
CA GLY A 96 -27.62 -5.18 6.35
C GLY A 96 -27.29 -6.30 5.39
N SER A 97 -28.29 -6.76 4.67
CA SER A 97 -28.17 -7.76 3.66
C SER A 97 -28.43 -7.22 2.26
N ALA A 98 -27.64 -7.74 1.34
CA ALA A 98 -27.82 -7.46 -0.06
C ALA A 98 -29.12 -8.11 -0.57
N THR A 99 -29.76 -7.43 -1.52
CA THR A 99 -30.84 -8.05 -2.27
C THR A 99 -30.13 -8.72 -3.40
N ILE A 100 -30.36 -10.02 -3.50
CA ILE A 100 -29.76 -10.83 -4.50
C ILE A 100 -30.51 -10.65 -5.80
N ASN A 101 -29.80 -10.40 -6.87
CA ASN A 101 -30.41 -10.26 -8.16
C ASN A 101 -29.39 -10.63 -9.22
N ALA A 102 -29.57 -10.07 -10.41
CA ALA A 102 -28.80 -10.45 -11.52
C ALA A 102 -27.34 -9.91 -11.32
N ASN A 103 -27.25 -8.67 -10.82
CA ASN A 103 -26.03 -7.99 -10.58
C ASN A 103 -25.33 -8.15 -9.25
N VAL A 104 -25.93 -8.89 -8.32
CA VAL A 104 -25.44 -9.00 -6.91
C VAL A 104 -25.76 -10.43 -6.54
N GLN A 105 -24.70 -11.24 -6.47
CA GLN A 105 -24.82 -12.68 -6.11
C GLN A 105 -23.69 -13.10 -5.22
N VAL A 106 -23.96 -14.09 -4.39
CA VAL A 106 -23.01 -14.58 -3.38
C VAL A 106 -22.10 -15.56 -4.12
N ALA A 107 -20.80 -15.47 -3.91
CA ALA A 107 -19.88 -16.37 -4.51
C ALA A 107 -19.90 -17.78 -3.84
N GLN A 108 -19.27 -18.71 -4.53
CA GLN A 108 -19.08 -20.06 -4.09
C GLN A 108 -17.65 -20.32 -3.77
N LEU A 109 -17.40 -21.10 -2.71
CA LEU A 109 -16.06 -21.35 -2.20
C LEU A 109 -15.62 -22.81 -2.34
N PRO A 110 -14.34 -23.08 -2.46
CA PRO A 110 -13.91 -24.45 -2.41
C PRO A 110 -14.05 -25.10 -1.02
N ALA A 111 -13.75 -26.41 -1.04
CA ALA A 111 -13.76 -27.15 0.19
C ALA A 111 -12.52 -26.79 0.94
N GLN A 112 -12.61 -26.89 2.24
CA GLN A 112 -11.41 -26.71 3.06
C GLN A 112 -10.25 -27.55 2.60
N GLY A 113 -9.05 -27.04 2.54
CA GLY A 113 -7.91 -27.82 2.12
C GLY A 113 -7.79 -28.05 0.62
N ARG A 114 -8.73 -27.68 -0.28
CA ARG A 114 -8.52 -28.05 -1.74
C ARG A 114 -7.28 -27.35 -2.23
N ARG A 115 -6.34 -28.07 -2.81
CA ARG A 115 -5.17 -27.39 -3.45
C ARG A 115 -5.34 -27.50 -4.94
N LEU A 116 -4.84 -26.50 -5.62
CA LEU A 116 -4.89 -26.50 -7.03
C LEU A 116 -3.52 -26.79 -7.51
N GLY A 117 -3.44 -27.64 -8.50
CA GLY A 117 -2.12 -27.93 -9.06
C GLY A 117 -1.70 -26.92 -10.10
N ASN A 118 -0.46 -27.05 -10.45
CA ASN A 118 0.20 -26.34 -11.49
C ASN A 118 -0.60 -26.44 -12.82
N GLY A 119 -0.84 -25.33 -13.48
CA GLY A 119 -1.54 -25.35 -14.74
C GLY A 119 -3.03 -25.14 -14.69
N VAL A 120 -3.67 -25.12 -13.52
CA VAL A 120 -5.04 -24.80 -13.44
C VAL A 120 -5.33 -23.37 -13.99
N GLN A 121 -6.41 -23.23 -14.75
CA GLN A 121 -6.75 -21.96 -15.41
C GLN A 121 -7.74 -21.26 -14.55
N CYS A 122 -7.47 -20.01 -14.26
CA CYS A 122 -8.29 -19.20 -13.45
C CYS A 122 -8.47 -17.81 -14.11
N LEU A 123 -9.34 -17.00 -13.47
CA LEU A 123 -9.55 -15.65 -13.85
C LEU A 123 -9.28 -14.75 -12.65
N ALA A 124 -8.34 -13.84 -12.80
CA ALA A 124 -8.22 -12.68 -11.89
C ALA A 124 -9.02 -11.49 -12.31
N MET A 125 -9.25 -10.50 -11.40
CA MET A 125 -10.05 -9.33 -11.78
C MET A 125 -9.92 -8.22 -10.74
N GLY A 126 -10.34 -7.05 -11.12
CA GLY A 126 -10.26 -5.86 -10.29
C GLY A 126 -10.29 -4.56 -11.06
N TRP A 127 -10.45 -3.51 -10.26
CA TRP A 127 -10.43 -2.15 -10.68
C TRP A 127 -9.04 -1.44 -10.36
N GLY A 128 -7.97 -2.18 -10.14
CA GLY A 128 -6.67 -1.62 -10.06
C GLY A 128 -5.98 -0.94 -11.26
N LEU A 129 -4.75 -0.51 -11.00
CA LEU A 129 -3.99 0.21 -11.93
C LEU A 129 -3.76 -0.73 -13.13
N LEU A 130 -3.56 -0.12 -14.30
CA LEU A 130 -3.32 -0.81 -15.51
C LEU A 130 -1.86 -0.94 -15.83
N GLY A 131 -0.93 -0.51 -14.95
CA GLY A 131 0.45 -0.57 -15.24
C GLY A 131 1.05 0.80 -15.66
N ARG A 132 2.36 0.80 -15.73
CA ARG A 132 3.18 2.00 -15.90
C ARG A 132 2.62 2.88 -16.98
N ASN A 133 2.30 4.13 -16.65
CA ASN A 133 1.79 5.07 -17.60
C ASN A 133 0.58 4.60 -18.38
N ARG A 134 -0.21 3.67 -17.88
CA ARG A 134 -1.46 3.40 -18.60
C ARG A 134 -2.74 3.52 -17.82
N GLY A 135 -2.62 4.25 -16.75
CA GLY A 135 -3.76 4.77 -15.97
C GLY A 135 -4.37 3.68 -15.18
N ILE A 136 -5.66 3.84 -14.96
CA ILE A 136 -6.45 3.08 -14.04
C ILE A 136 -7.78 2.71 -14.72
N ALA A 137 -8.32 1.54 -14.31
CA ALA A 137 -9.55 1.00 -14.85
C ALA A 137 -10.67 1.97 -14.42
N SER A 138 -11.62 2.19 -15.32
CA SER A 138 -13.00 2.63 -15.02
C SER A 138 -13.93 1.46 -14.80
N VAL A 139 -13.84 0.56 -15.77
CA VAL A 139 -14.64 -0.61 -15.90
C VAL A 139 -13.83 -1.79 -15.32
N LEU A 140 -14.51 -2.65 -14.58
CA LEU A 140 -13.86 -3.84 -14.03
C LEU A 140 -13.03 -4.55 -15.07
N GLN A 141 -11.81 -4.90 -14.71
CA GLN A 141 -10.95 -5.65 -15.62
C GLN A 141 -10.90 -7.13 -15.17
N GLU A 142 -10.68 -8.01 -16.13
CA GLU A 142 -10.41 -9.40 -15.81
C GLU A 142 -9.18 -9.85 -16.60
N LEU A 143 -8.67 -11.03 -16.29
CA LEU A 143 -7.37 -11.54 -16.77
C LEU A 143 -7.23 -13.07 -16.53
N ASN A 144 -7.00 -13.80 -17.63
CA ASN A 144 -6.73 -15.24 -17.61
C ASN A 144 -5.32 -15.46 -16.99
N VAL A 145 -5.22 -16.23 -15.88
CA VAL A 145 -3.90 -16.56 -15.31
C VAL A 145 -3.92 -18.04 -15.12
N THR A 146 -2.80 -18.59 -14.77
CA THR A 146 -2.60 -20.00 -14.68
C THR A 146 -1.96 -20.21 -13.28
N VAL A 147 -2.42 -21.22 -12.55
CA VAL A 147 -1.84 -21.57 -11.27
C VAL A 147 -0.39 -22.09 -11.44
N VAL A 148 0.51 -21.60 -10.60
CA VAL A 148 1.87 -22.14 -10.55
C VAL A 148 2.30 -22.38 -9.06
N THR A 149 3.15 -23.39 -8.84
CA THR A 149 3.70 -23.72 -7.53
C THR A 149 5.14 -23.36 -7.40
N SER A 150 5.84 -23.20 -8.51
CA SER A 150 7.21 -22.76 -8.49
C SER A 150 7.28 -21.29 -8.10
N LEU A 151 8.22 -20.94 -7.21
CA LEU A 151 8.41 -19.56 -6.70
C LEU A 151 7.18 -19.07 -5.82
N CYS A 152 6.50 -20.02 -5.18
CA CYS A 152 5.30 -19.76 -4.42
C CYS A 152 5.37 -20.52 -3.16
N ARG A 153 5.04 -19.87 -2.04
CA ARG A 153 4.96 -20.62 -0.80
C ARG A 153 3.69 -21.45 -0.78
N ARG A 154 3.70 -22.50 0.05
CA ARG A 154 2.43 -23.30 0.30
C ARG A 154 1.34 -22.53 1.00
N SER A 155 1.69 -21.41 1.60
CA SER A 155 0.73 -20.53 2.25
C SER A 155 0.12 -19.51 1.29
N ASN A 156 0.31 -19.70 -0.02
CA ASN A 156 -0.35 -18.89 -1.07
C ASN A 156 -0.83 -19.78 -2.13
N VAL A 157 -1.76 -19.29 -2.93
CA VAL A 157 -2.01 -19.77 -4.31
C VAL A 157 -1.37 -18.70 -5.14
N CYS A 158 -0.48 -19.08 -6.06
CA CYS A 158 0.15 -18.17 -6.95
C CYS A 158 -0.31 -18.40 -8.41
N THR A 159 -0.25 -17.33 -9.20
CA THR A 159 -0.57 -17.43 -10.58
C THR A 159 0.42 -16.71 -11.44
N LEU A 160 0.43 -17.06 -12.73
CA LEU A 160 1.36 -16.41 -13.64
C LEU A 160 0.77 -16.40 -15.06
N VAL A 161 1.09 -15.39 -15.84
CA VAL A 161 0.71 -15.28 -17.23
C VAL A 161 2.04 -15.44 -17.97
N ARG A 162 2.23 -16.56 -18.66
CA ARG A 162 3.50 -16.81 -19.33
C ARG A 162 3.57 -16.07 -20.66
N GLY A 163 4.77 -15.61 -20.97
CA GLY A 163 5.06 -15.00 -22.25
C GLY A 163 4.68 -13.53 -22.40
N ARG A 164 4.19 -12.89 -21.37
CA ARG A 164 3.84 -11.50 -21.45
C ARG A 164 3.75 -10.90 -20.04
N GLN A 165 3.74 -9.56 -19.97
CA GLN A 165 3.81 -8.80 -18.73
C GLN A 165 2.41 -8.49 -18.36
N ALA A 166 1.88 -9.25 -17.41
CA ALA A 166 0.51 -9.10 -16.98
C ALA A 166 0.29 -9.67 -15.61
N GLY A 167 -0.67 -9.12 -14.85
CA GLY A 167 -0.91 -9.53 -13.50
C GLY A 167 -1.74 -8.48 -12.79
N VAL A 168 -1.97 -8.70 -11.52
CA VAL A 168 -2.63 -7.79 -10.66
C VAL A 168 -1.68 -6.65 -10.25
N CYS A 169 -2.31 -5.53 -9.87
CA CYS A 169 -1.65 -4.32 -9.48
C CYS A 169 -2.39 -3.66 -8.33
N PHE A 170 -1.89 -2.48 -7.95
CA PHE A 170 -2.39 -1.73 -6.83
C PHE A 170 -3.85 -1.47 -7.04
N GLY A 171 -4.69 -1.70 -6.01
CA GLY A 171 -6.20 -1.49 -6.20
C GLY A 171 -6.92 -2.81 -6.53
N ASP A 172 -6.17 -3.81 -6.98
CA ASP A 172 -6.68 -5.12 -7.18
C ASP A 172 -6.57 -5.95 -5.87
N SER A 173 -5.84 -5.41 -4.88
CA SER A 173 -5.81 -6.03 -3.52
C SER A 173 -7.22 -6.38 -3.07
N GLY A 174 -7.35 -7.55 -2.47
CA GLY A 174 -8.61 -7.99 -1.91
C GLY A 174 -9.61 -8.67 -2.90
N SER A 175 -9.32 -8.64 -4.22
CA SER A 175 -10.21 -9.13 -5.26
C SER A 175 -10.05 -10.63 -5.37
N PRO A 176 -11.11 -11.32 -5.83
CA PRO A 176 -11.12 -12.76 -5.95
C PRO A 176 -10.34 -13.24 -7.15
N LEU A 177 -9.79 -14.42 -7.00
CA LEU A 177 -9.24 -15.29 -8.03
C LEU A 177 -10.28 -16.43 -8.12
N VAL A 178 -10.89 -16.55 -9.31
CA VAL A 178 -11.91 -17.55 -9.59
C VAL A 178 -11.35 -18.71 -10.45
N CYS A 179 -11.46 -19.91 -9.94
CA CYS A 179 -10.93 -21.08 -10.52
C CYS A 179 -12.05 -22.12 -10.46
N ASN A 180 -12.42 -22.64 -11.64
CA ASN A 180 -13.50 -23.63 -11.76
C ASN A 180 -14.75 -23.09 -11.06
N GLY A 181 -14.99 -21.76 -11.20
CA GLY A 181 -16.16 -21.14 -10.65
C GLY A 181 -16.19 -20.94 -9.11
N LEU A 182 -15.05 -21.12 -8.49
CA LEU A 182 -14.99 -21.00 -7.05
C LEU A 182 -13.88 -19.99 -6.69
N ILE A 183 -14.04 -19.34 -5.55
CA ILE A 183 -13.11 -18.31 -5.11
C ILE A 183 -11.92 -18.98 -4.38
N HIS A 184 -10.84 -19.18 -5.13
CA HIS A 184 -9.74 -19.81 -4.51
C HIS A 184 -8.71 -18.81 -4.03
N GLY A 185 -8.85 -17.55 -4.38
CA GLY A 185 -7.80 -16.61 -3.95
C GLY A 185 -8.41 -15.27 -3.64
N ILE A 186 -7.61 -14.54 -2.91
CA ILE A 186 -7.83 -13.13 -2.56
C ILE A 186 -6.45 -12.44 -2.84
N ALA A 187 -6.41 -11.50 -3.75
CA ALA A 187 -5.17 -10.88 -4.18
C ALA A 187 -4.43 -10.27 -2.99
N SER A 188 -3.18 -10.75 -2.84
CA SER A 188 -2.42 -10.41 -1.68
C SER A 188 -1.16 -9.56 -1.97
N PHE A 189 -0.24 -10.10 -2.75
CA PHE A 189 0.98 -9.32 -3.04
C PHE A 189 1.57 -9.66 -4.36
N VAL A 190 2.41 -8.74 -4.81
CA VAL A 190 3.20 -8.98 -6.01
C VAL A 190 4.72 -8.93 -5.72
N ARG A 191 5.46 -9.56 -6.59
CA ARG A 191 6.93 -9.67 -6.45
C ARG A 191 7.55 -9.14 -7.77
N GLY A 192 8.60 -8.33 -7.72
CA GLY A 192 9.14 -7.58 -8.86
C GLY A 192 8.19 -6.50 -9.40
N GLY A 193 7.26 -6.06 -8.53
CA GLY A 193 6.26 -5.07 -8.80
C GLY A 193 5.19 -5.73 -9.68
N CYS A 194 4.30 -4.91 -10.23
CA CYS A 194 3.15 -5.42 -11.00
C CYS A 194 3.62 -5.93 -12.38
N ALA A 195 3.19 -7.11 -12.74
CA ALA A 195 3.37 -7.65 -14.08
C ALA A 195 4.81 -7.78 -14.46
N SER A 196 5.61 -8.34 -13.55
CA SER A 196 7.06 -8.44 -13.81
C SER A 196 7.33 -9.30 -14.99
N GLY A 197 6.55 -10.34 -15.17
CA GLY A 197 6.84 -11.23 -16.25
C GLY A 197 7.89 -12.20 -15.79
N LEU A 198 8.15 -12.28 -14.49
CA LEU A 198 9.24 -13.04 -13.90
C LEU A 198 8.73 -13.80 -12.67
N TYR A 199 7.89 -13.17 -11.84
CA TYR A 199 7.43 -13.75 -10.58
C TYR A 199 5.91 -13.88 -10.58
N PRO A 200 5.41 -15.00 -10.03
CA PRO A 200 3.99 -15.09 -9.99
C PRO A 200 3.40 -14.13 -9.02
N ASP A 201 2.12 -13.85 -9.22
CA ASP A 201 1.33 -13.07 -8.26
C ASP A 201 0.81 -14.05 -7.13
N ALA A 202 0.59 -13.51 -5.95
CA ALA A 202 0.25 -14.31 -4.80
C ALA A 202 -1.03 -13.86 -4.22
N PHE A 203 -1.83 -14.85 -3.93
CA PHE A 203 -3.20 -14.69 -3.44
C PHE A 203 -3.29 -15.40 -2.12
N ALA A 204 -4.03 -14.81 -1.20
CA ALA A 204 -4.39 -15.54 0.04
C ALA A 204 -5.21 -16.83 -0.33
N PRO A 205 -4.84 -17.95 0.27
CA PRO A 205 -5.41 -19.24 -0.17
C PRO A 205 -6.70 -19.52 0.55
N VAL A 206 -7.77 -19.13 -0.11
CA VAL A 206 -9.11 -19.19 0.50
C VAL A 206 -9.44 -20.59 1.05
N ALA A 207 -9.03 -21.66 0.36
CA ALA A 207 -9.37 -23.02 0.80
C ALA A 207 -8.70 -23.42 2.13
N GLN A 208 -7.57 -22.81 2.45
CA GLN A 208 -7.01 -22.99 3.80
C GLN A 208 -7.87 -22.35 4.85
N PHE A 209 -8.83 -21.48 4.51
CA PHE A 209 -9.57 -20.71 5.52
C PHE A 209 -11.08 -20.97 5.61
N VAL A 210 -11.54 -21.98 4.89
CA VAL A 210 -12.95 -22.21 4.75
C VAL A 210 -13.58 -22.56 6.06
N ASN A 211 -12.93 -23.41 6.85
CA ASN A 211 -13.43 -23.64 8.20
C ASN A 211 -13.70 -22.33 8.97
N TRP A 212 -12.76 -21.40 8.90
CA TRP A 212 -12.92 -20.09 9.58
C TRP A 212 -14.03 -19.28 8.96
N ILE A 213 -14.09 -19.33 7.63
CA ILE A 213 -15.14 -18.54 6.94
C ILE A 213 -16.49 -19.10 7.36
N ASP A 214 -16.60 -20.44 7.25
CA ASP A 214 -17.89 -21.13 7.67
C ASP A 214 -18.22 -20.84 9.12
N SER A 215 -17.18 -20.77 9.97
CA SER A 215 -17.50 -20.50 11.36
C SER A 215 -18.21 -19.16 11.55
N ILE A 216 -18.07 -18.25 10.59
CA ILE A 216 -18.70 -16.92 10.60
C ILE A 216 -19.97 -16.95 9.74
N ILE A 217 -19.90 -17.39 8.49
CA ILE A 217 -21.08 -17.26 7.62
C ILE A 217 -22.09 -18.38 7.82
N GLN A 218 -21.68 -19.47 8.51
CA GLN A 218 -22.36 -20.76 8.74
C GLN A 218 -22.08 -21.67 7.57
N ILE B 1 13.84 -0.58 4.31
CA ILE B 1 15.07 -0.33 3.54
C ILE B 1 15.68 -1.69 3.23
N VAL B 2 15.99 -2.01 1.97
CA VAL B 2 16.65 -3.21 1.59
C VAL B 2 18.13 -2.87 1.35
N GLY B 3 19.00 -3.64 1.99
CA GLY B 3 20.44 -3.57 1.72
C GLY B 3 21.11 -2.38 2.36
N GLY B 4 20.47 -1.88 3.41
CA GLY B 4 20.93 -0.73 4.21
C GLY B 4 21.70 -1.21 5.46
N ARG B 5 21.70 -0.40 6.53
CA ARG B 5 22.35 -0.76 7.81
C ARG B 5 21.58 0.02 8.86
N ARG B 6 21.80 -0.28 10.09
CA ARG B 6 21.23 0.49 11.18
C ARG B 6 21.80 1.86 11.26
N ALA B 7 20.94 2.85 11.44
CA ALA B 7 21.38 4.18 11.84
C ALA B 7 21.93 4.09 13.29
N ARG B 8 22.82 5.00 13.66
CA ARG B 8 23.18 5.11 15.06
C ARG B 8 21.98 5.62 15.79
N PRO B 9 21.85 5.32 17.05
CA PRO B 9 20.63 5.83 17.71
C PRO B 9 20.51 7.31 17.58
N HIS B 10 19.36 7.80 17.19
CA HIS B 10 19.12 9.24 17.15
C HIS B 10 20.02 10.02 16.23
N ALA B 11 20.61 9.38 15.24
CA ALA B 11 21.42 10.12 14.25
C ALA B 11 20.58 11.06 13.40
N TRP B 12 19.28 10.78 13.22
CA TRP B 12 18.47 11.62 12.36
C TRP B 12 17.26 12.04 13.16
N PRO B 13 17.46 13.11 14.00
CA PRO B 13 16.52 13.48 15.03
C PRO B 13 15.23 14.11 14.52
N PHE B 14 15.12 14.35 13.22
CA PHE B 14 13.88 14.76 12.54
C PHE B 14 13.09 13.54 12.02
N MET B 15 13.61 12.33 12.16
CA MET B 15 12.89 11.18 11.63
C MET B 15 11.70 10.85 12.46
N VAL B 16 10.56 10.57 11.82
CA VAL B 16 9.32 10.38 12.50
C VAL B 16 8.70 9.04 12.11
N SER B 17 8.05 8.38 13.06
CA SER B 17 7.33 7.14 12.75
C SER B 17 5.82 7.47 12.88
N LEU B 18 5.03 7.19 11.84
CA LEU B 18 3.58 7.35 11.98
C LEU B 18 3.00 5.99 12.35
N GLN B 19 2.20 5.95 13.41
CA GLN B 19 1.68 4.69 13.90
C GLN B 19 0.19 4.67 14.03
N LEU B 20 -0.36 3.49 13.93
CA LEU B 20 -1.73 3.22 14.27
C LEU B 20 -1.77 1.97 15.08
N ARG B 21 -2.59 1.95 16.10
CA ARG B 21 -3.04 0.73 16.81
C ARG B 21 -1.95 0.02 17.54
N GLY B 22 -0.17 1.32 17.73
CA GLY B 22 1.15 0.88 18.08
C GLY B 22 1.94 0.31 16.91
N GLY B 23 1.36 0.20 15.73
CA GLY B 23 2.12 -0.23 14.58
C GLY B 23 2.55 0.88 13.67
N HIS B 24 3.84 0.94 13.40
CA HIS B 24 4.40 1.77 12.37
C HIS B 24 3.76 1.52 11.01
N PHE B 25 3.30 2.55 10.30
CA PHE B 25 2.84 2.34 8.87
C PHE B 25 3.51 3.25 7.86
N CYS B 26 4.29 4.25 8.32
CA CYS B 26 4.93 5.17 7.42
C CYS B 26 5.91 6.05 8.20
N GLY B 27 6.89 6.53 7.47
CA GLY B 27 7.72 7.59 8.02
C GLY B 27 7.21 8.98 7.71
N ALA B 28 7.86 9.95 8.30
CA ALA B 28 7.56 11.39 8.18
C ALA B 28 8.83 12.15 8.69
N THR B 29 8.80 13.43 8.51
CA THR B 29 9.90 14.30 8.83
C THR B 29 9.41 15.53 9.63
N LEU B 30 10.06 15.83 10.75
CA LEU B 30 9.63 16.97 11.57
C LEU B 30 10.19 18.26 10.95
N ILE B 31 9.29 19.15 10.57
CA ILE B 31 9.59 20.29 9.81
C ILE B 31 9.36 21.61 10.54
N ALA B 32 8.70 21.57 11.67
CA ALA B 32 8.57 22.60 12.64
C ALA B 32 8.16 21.87 13.93
N PRO B 33 8.20 22.58 15.09
CA PRO B 33 7.85 21.90 16.32
C PRO B 33 6.48 21.21 16.32
N ASN B 34 5.53 21.78 15.55
CA ASN B 34 4.17 21.28 15.46
C ASN B 34 3.69 20.84 14.05
N PHE B 35 4.60 20.63 13.09
CA PHE B 35 4.23 20.08 11.82
C PHE B 35 5.20 18.96 11.40
N VAL B 36 4.66 17.90 10.92
CA VAL B 36 5.42 16.91 10.17
C VAL B 36 4.98 16.82 8.71
N MET B 37 5.89 16.38 7.87
CA MET B 37 5.53 16.09 6.50
C MET B 37 5.81 14.63 6.14
N SER B 38 4.99 14.13 5.23
CA SER B 38 5.01 12.74 4.84
C SER B 38 4.44 12.65 3.43
N ALA B 39 4.12 11.43 2.99
CA ALA B 39 3.59 11.19 1.62
C ALA B 39 2.15 11.14 1.68
N ALA B 40 1.48 11.70 0.69
CA ALA B 40 0.04 11.67 0.67
C ALA B 40 -0.47 10.22 0.62
N HIS B 41 0.30 9.31 0.02
CA HIS B 41 -0.19 7.91 -0.07
C HIS B 41 -0.22 7.26 1.33
N CYS B 42 0.49 7.86 2.26
CA CYS B 42 0.56 7.37 3.66
C CYS B 42 -0.76 7.62 4.35
N VAL B 43 -1.43 8.71 4.01
CA VAL B 43 -2.64 9.13 4.76
C VAL B 43 -3.96 9.03 3.98
N ALA B 44 -3.93 8.87 2.69
CA ALA B 44 -5.13 8.50 1.88
C ALA B 44 -5.64 7.22 2.52
N ASN B 45 -6.88 7.33 2.89
CA ASN B 45 -7.56 6.17 3.49
C ASN B 45 -7.27 5.76 4.89
N VAL B 46 -6.38 6.49 5.56
CA VAL B 46 -6.10 6.22 6.99
C VAL B 46 -7.17 6.93 7.84
N ASN B 47 -7.42 6.44 9.07
CA ASN B 47 -8.11 7.33 10.03
C ASN B 47 -7.19 8.18 10.74
N VAL B 48 -7.25 9.46 10.43
CA VAL B 48 -6.28 10.35 10.87
C VAL B 48 -6.45 10.63 12.37
N ARG B 49 -7.67 10.53 12.88
CA ARG B 49 -7.93 10.77 14.32
C ARG B 49 -7.19 9.75 15.15
N ALA B 50 -6.91 8.60 14.64
CA ALA B 50 -6.28 7.52 15.42
C ALA B 50 -4.76 7.67 15.56
N VAL B 51 -3.99 8.19 14.06
CA VAL B 51 -2.59 8.29 13.84
C VAL B 51 -1.91 8.86 15.08
N ARG B 52 -0.89 8.14 15.52
CA ARG B 52 0.08 8.71 16.48
C ARG B 52 1.39 9.07 15.77
N VAL B 53 1.89 10.22 16.13
CA VAL B 53 3.07 10.76 15.49
C VAL B 53 4.12 10.63 16.56
N VAL B 54 5.07 9.74 16.27
CA VAL B 54 6.13 9.38 17.24
C VAL B 54 7.47 10.02 16.89
N LEU B 55 7.89 11.03 17.69
CA LEU B 55 9.16 11.69 17.52
C LEU B 55 10.21 10.98 18.45
N GLY B 56 11.50 11.10 18.12
CA GLY B 56 12.55 10.66 19.01
C GLY B 56 12.63 9.17 19.12
N ALA B 57 12.20 8.46 18.08
CA ALA B 57 12.28 6.98 18.13
C ALA B 57 13.53 6.45 17.53
N HIS B 58 13.93 5.23 17.93
CA HIS B 58 15.02 4.51 17.28
C HIS B 58 14.72 3.07 17.06
N ASN B 59 14.47 2.36 18.15
CA ASN B 59 14.15 0.95 18.11
C ASN B 59 12.68 0.78 18.41
N LEU B 60 11.89 0.48 17.37
CA LEU B 60 10.44 0.46 17.55
C LEU B 60 9.91 -0.69 18.40
N SER B 61 10.63 -1.81 18.53
CA SER B 61 10.20 -2.95 19.34
C SER B 61 10.54 -2.79 20.82
N ARG B 62 10.67 -1.57 21.29
CA ARG B 62 11.20 -1.26 22.60
C ARG B 62 10.58 0.05 23.11
N ARG B 63 10.37 0.09 24.41
CA ARG B 63 9.81 1.20 25.13
C ARG B 63 11.01 2.19 25.23
N GLU B 64 10.81 3.37 24.70
CA GLU B 64 11.92 4.31 24.59
C GLU B 64 11.47 5.61 25.27
N PRO B 65 12.01 5.95 26.46
CA PRO B 65 11.74 7.26 27.07
C PRO B 65 12.11 8.49 26.25
N THR B 66 13.01 8.41 25.25
CA THR B 66 13.28 9.58 24.39
C THR B 66 12.11 10.02 23.44
N ARG B 67 11.06 9.20 23.34
CA ARG B 67 9.92 9.46 22.42
C ARG B 67 8.96 10.51 22.91
N GLN B 68 8.44 11.30 21.99
CA GLN B 68 7.38 12.22 22.23
C GLN B 68 6.30 11.80 21.21
N VAL B 69 5.05 11.64 21.69
CA VAL B 69 3.95 11.21 20.91
C VAL B 69 2.92 12.36 20.76
N PHE B 70 2.46 12.62 19.51
CA PHE B 70 1.40 13.62 19.16
C PHE B 70 0.29 12.99 18.31
N ALA B 71 -0.91 13.59 18.38
CA ALA B 71 -2.02 13.26 17.54
C ALA B 71 -1.95 14.25 16.38
N VAL B 72 -2.75 14.01 15.36
CA VAL B 72 -2.79 14.88 14.18
C VAL B 72 -3.96 15.84 14.40
N GLN B 73 -3.72 17.13 14.39
CA GLN B 73 -4.82 18.10 14.49
C GLN B 73 -5.48 18.41 13.15
N ARG B 74 -4.74 18.49 12.06
CA ARG B 74 -5.33 18.53 10.75
C ARG B 74 -4.29 18.16 9.75
N ILE B 75 -4.72 17.90 8.53
CA ILE B 75 -3.75 17.61 7.49
C ILE B 75 -3.90 18.69 6.43
N PHE B 76 -2.81 18.98 5.73
CA PHE B 76 -2.79 19.84 4.59
C PHE B 76 -2.37 19.01 3.40
N GLU B 77 -3.15 19.12 2.33
CA GLU B 77 -2.87 18.35 1.13
C GLU B 77 -2.67 19.33 -0.01
N ASN B 78 -2.08 18.89 -1.18
CA ASN B 78 -1.66 19.61 -2.31
C ASN B 78 -1.80 18.92 -3.61
N GLY B 79 -3.04 18.48 -3.92
CA GLY B 79 -3.43 17.96 -5.29
C GLY B 79 -2.72 16.65 -5.57
N TYR B 80 -2.57 15.84 -4.53
CA TYR B 80 -2.12 14.43 -4.66
C TYR B 80 -2.84 13.78 -5.82
N ASP B 81 -2.14 13.26 -6.79
CA ASP B 81 -2.77 12.64 -7.96
C ASP B 81 -2.14 11.25 -8.21
N PRO B 82 -2.63 10.24 -7.49
CA PRO B 82 -1.85 8.98 -7.44
C PRO B 82 -1.67 8.30 -8.80
N VAL B 83 -2.70 8.38 -9.61
CA VAL B 83 -2.61 7.64 -10.92
C VAL B 83 -1.50 8.30 -11.71
N ASN B 84 -1.40 9.63 -11.59
CA ASN B 84 -0.32 10.26 -12.31
C ASN B 84 0.97 10.42 -11.50
N LEU B 85 0.98 9.88 -10.27
CA LEU B 85 2.17 9.85 -9.40
C LEU B 85 2.73 11.26 -9.09
N LEU B 86 1.82 12.23 -8.95
CA LEU B 86 2.12 13.62 -8.70
C LEU B 86 1.72 14.02 -7.28
N ASN B 87 2.50 14.96 -6.75
CA ASN B 87 2.18 15.65 -5.47
C ASN B 87 1.91 14.71 -4.30
N ASP B 88 2.78 13.74 -4.15
CA ASP B 88 2.69 12.77 -3.04
C ASP B 88 3.36 13.33 -1.74
N ILE B 89 2.68 14.31 -1.20
CA ILE B 89 3.17 15.09 0.00
C ILE B 89 1.93 15.51 0.81
N VAL B 90 2.00 15.43 2.09
CA VAL B 90 1.02 15.97 2.98
C VAL B 90 1.77 16.59 4.14
N ILE B 91 1.19 17.55 4.83
CA ILE B 91 1.67 17.98 6.13
C ILE B 91 0.64 17.69 7.15
N LEU B 92 1.09 17.14 8.27
CA LEU B 92 0.28 16.88 9.40
C LEU B 92 0.64 17.88 10.48
N GLN B 93 -0.36 18.60 10.95
CA GLN B 93 -0.23 19.52 12.02
C GLN B 93 -0.49 18.73 13.31
N LEU B 94 0.49 18.78 14.22
CA LEU B 94 0.41 18.13 15.52
C LEU B 94 -0.51 18.89 16.49
N ASN B 95 -1.01 18.17 17.49
CA ASN B 95 -1.85 18.69 18.58
C ASN B 95 -1.06 19.34 19.68
N GLY B 96 0.22 19.58 19.49
CA GLY B 96 1.00 20.37 20.38
C GLY B 96 2.30 20.56 19.66
N SER B 97 3.28 21.04 20.39
CA SER B 97 4.63 21.25 19.87
C SER B 97 5.63 20.33 20.54
N ALA B 98 6.54 19.82 19.73
CA ALA B 98 7.63 19.00 20.22
C ALA B 98 8.61 19.84 21.12
N THR B 99 9.15 19.21 22.15
CA THR B 99 10.30 19.77 22.79
C THR B 99 11.55 19.34 22.03
N ILE B 100 12.26 20.37 21.60
CA ILE B 100 13.41 20.22 20.81
C ILE B 100 14.57 19.85 21.71
N ASN B 101 15.24 18.76 21.40
CA ASN B 101 16.39 18.33 22.12
C ASN B 101 17.35 17.52 21.28
N ALA B 102 18.22 16.74 21.93
CA ALA B 102 19.18 15.95 21.22
C ALA B 102 18.49 14.98 20.18
N ASN B 103 17.43 14.33 20.64
CA ASN B 103 16.68 13.36 19.94
C ASN B 103 15.56 13.82 18.95
N VAL B 104 15.19 15.08 19.02
CA VAL B 104 13.97 15.62 18.40
C VAL B 104 14.38 17.00 17.90
N GLN B 105 14.60 17.08 16.59
CA GLN B 105 15.05 18.36 15.91
C GLN B 105 14.30 18.54 14.60
N VAL B 106 14.13 19.79 14.22
CA VAL B 106 13.40 20.15 13.04
C VAL B 106 14.37 20.03 11.89
N ALA B 107 13.95 19.38 10.81
CA ALA B 107 14.75 19.29 9.64
C ALA B 107 14.88 20.64 8.91
N GLN B 108 15.81 20.65 7.96
CA GLN B 108 16.13 21.72 7.11
C GLN B 108 15.74 21.44 5.67
N LEU B 109 15.24 22.44 4.99
CA LEU B 109 14.76 22.24 3.64
C LEU B 109 15.51 23.06 2.57
N PRO B 110 15.54 22.58 1.34
CA PRO B 110 16.10 23.30 0.23
C PRO B 110 15.23 24.47 -0.19
N ALA B 111 15.79 25.26 -1.08
CA ALA B 111 15.07 26.42 -1.59
C ALA B 111 14.12 25.83 -2.55
N GLN B 112 13.06 26.59 -2.76
CA GLN B 112 12.10 26.32 -3.81
C GLN B 112 12.80 26.10 -5.13
N GLY B 113 12.41 25.09 -5.89
CA GLY B 113 12.92 24.88 -7.24
C GLY B 113 14.34 24.30 -7.30
N ARG B 114 15.10 24.09 -6.19
CA ARG B 114 16.45 23.51 -6.34
C ARG B 114 16.33 22.14 -6.95
N ARG B 115 17.15 21.88 -7.94
CA ARG B 115 17.12 20.63 -8.63
C ARG B 115 18.48 19.94 -8.41
N LEU B 116 18.47 18.64 -8.16
CA LEU B 116 19.70 17.94 -7.90
C LEU B 116 20.08 17.25 -9.15
N GLY B 117 21.35 17.29 -9.50
CA GLY B 117 21.77 16.61 -10.69
C GLY B 117 22.15 15.18 -10.36
N ASN B 118 22.33 14.47 -11.45
CA ASN B 118 22.78 13.10 -11.55
C ASN B 118 24.07 12.91 -10.77
N GLY B 119 24.16 11.94 -9.87
CA GLY B 119 25.39 11.76 -9.11
C GLY B 119 25.42 12.29 -7.70
N VAL B 120 24.54 13.22 -7.29
CA VAL B 120 24.48 13.70 -5.93
C VAL B 120 24.23 12.52 -4.97
N GLN B 121 24.96 12.54 -3.84
CA GLN B 121 24.96 11.48 -2.84
C GLN B 121 24.05 11.91 -1.75
N CYS B 122 23.12 11.05 -1.43
CA CYS B 122 22.10 11.26 -0.43
C CYS B 122 22.04 10.05 0.50
N LEU B 123 21.22 10.16 1.54
CA LEU B 123 20.93 9.09 2.43
C LEU B 123 19.39 8.92 2.54
N ALA B 124 18.91 7.75 2.18
CA ALA B 124 17.53 7.27 2.50
C ALA B 124 17.53 6.61 3.88
N MET B 125 16.34 6.47 4.49
CA MET B 125 16.19 5.87 5.78
C MET B 125 14.69 5.48 6.03
N GLY B 126 14.49 4.57 6.96
CA GLY B 126 13.22 4.24 7.45
C GLY B 126 13.20 2.93 8.20
N TRP B 127 12.00 2.64 8.71
CA TRP B 127 11.65 1.41 9.38
C TRP B 127 10.84 0.40 8.52
N GLY B 128 10.94 0.47 7.21
CA GLY B 128 10.37 -0.51 6.39
C GLY B 128 10.96 -1.90 6.32
N LEU B 129 10.36 -2.69 5.43
CA LEU B 129 10.75 -4.00 5.21
C LEU B 129 12.18 -4.07 4.67
N LEU B 130 12.83 -5.16 5.02
CA LEU B 130 14.20 -5.38 4.65
C LEU B 130 14.32 -6.20 3.38
N GLY B 131 13.22 -6.56 2.72
CA GLY B 131 13.34 -7.22 1.53
C GLY B 131 12.88 -8.70 1.73
N ARG B 132 12.68 -9.52 0.51
CA ARG B 132 12.24 -10.91 0.47
C ARG B 132 12.83 -11.75 1.58
N ASN B 133 12.00 -12.31 2.44
CA ASN B 133 12.43 -13.20 3.50
C ASN B 133 13.51 -12.69 4.44
N ARG B 134 13.62 -11.38 4.57
CA ARG B 134 14.63 -10.73 5.45
C ARG B 134 13.99 -9.97 6.60
N GLY B 135 12.69 -10.06 6.70
CA GLY B 135 11.92 -9.49 7.81
C GLY B 135 11.79 -7.99 7.75
N ILE B 136 11.67 -7.39 8.94
CA ILE B 136 11.41 -5.97 9.09
C ILE B 136 12.38 -5.34 10.08
N ALA B 137 12.70 -4.05 9.89
CA ALA B 137 13.57 -3.33 10.84
C ALA B 137 12.89 -3.23 12.19
N SER B 138 13.67 -3.32 13.25
CA SER B 138 13.38 -2.83 14.61
C SER B 138 13.95 -1.46 14.76
N VAL B 139 15.21 -1.36 14.36
CA VAL B 139 16.05 -0.19 14.48
C VAL B 139 16.01 0.55 13.15
N LEU B 140 15.84 1.84 13.22
CA LEU B 140 15.87 2.65 11.99
C LEU B 140 17.06 2.26 11.10
N GLN B 141 16.79 2.08 9.81
CA GLN B 141 17.80 1.76 8.82
C GLN B 141 18.10 3.00 7.99
N GLU B 142 19.35 3.13 7.51
CA GLU B 142 19.73 4.15 6.58
C GLU B 142 20.43 3.47 5.42
N LEU B 143 20.63 4.19 4.30
CA LEU B 143 21.13 3.64 3.03
C LEU B 143 21.69 4.74 2.13
N ASN B 144 22.97 4.64 1.76
CA ASN B 144 23.57 5.55 0.79
C ASN B 144 22.96 5.29 -0.59
N VAL B 145 22.40 6.34 -1.23
CA VAL B 145 21.90 6.25 -2.62
C VAL B 145 22.41 7.46 -3.39
N THR B 146 22.25 7.40 -4.71
CA THR B 146 22.75 8.40 -5.61
C THR B 146 21.59 8.95 -6.46
N VAL B 147 21.50 10.27 -6.59
CA VAL B 147 20.50 10.87 -7.46
C VAL B 147 20.71 10.42 -8.93
N VAL B 148 19.63 10.08 -9.61
CA VAL B 148 19.70 9.79 -11.04
C VAL B 148 18.50 10.53 -11.73
N THR B 149 18.67 10.90 -13.00
CA THR B 149 17.62 11.50 -13.84
C THR B 149 17.16 10.55 -14.92
N SER B 150 17.95 9.54 -15.22
CA SER B 150 17.53 8.59 -16.21
C SER B 150 16.41 7.68 -15.59
N LEU B 151 15.35 7.41 -16.37
CA LEU B 151 14.26 6.60 -15.95
C LEU B 151 13.36 7.25 -14.84
N CYS B 152 13.32 8.73 -14.68
CA CYS B 152 12.79 9.48 -13.59
C CYS B 152 12.00 10.51 -14.25
N ARG B 153 10.69 10.77 -13.74
CA ARG B 153 10.11 12.00 -14.28
C ARG B 153 10.70 13.24 -13.60
N ARG B 154 10.53 14.40 -14.24
CA ARG B 154 10.86 15.70 -13.60
C ARG B 154 10.03 16.01 -12.38
N SER B 155 8.90 15.32 -12.22
CA SER B 155 8.05 15.49 -11.09
C SER B 155 8.49 14.60 -9.90
N ASN B 156 9.64 13.98 -9.99
CA ASN B 156 10.23 13.25 -8.87
C ASN B 156 11.69 13.60 -8.69
N VAL B 157 12.19 13.34 -7.51
CA VAL B 157 13.60 13.06 -7.33
C VAL B 157 13.75 11.57 -7.27
N CYS B 158 14.62 11.02 -8.11
CA CYS B 158 14.90 9.63 -8.15
C CYS B 158 16.30 9.25 -7.64
N THR B 159 16.41 8.04 -7.04
CA THR B 159 17.68 7.57 -6.56
C THR B 159 17.98 6.15 -6.94
N LEU B 160 19.26 5.80 -6.90
CA LEU B 160 19.59 4.42 -7.28
C LEU B 160 20.90 3.97 -6.65
N VAL B 161 21.03 2.70 -6.27
CA VAL B 161 22.26 2.15 -5.68
C VAL B 161 22.83 1.25 -6.79
N ARG B 162 23.95 1.60 -7.40
CA ARG B 162 24.44 0.83 -8.52
C ARG B 162 25.19 -0.42 -8.03
N GLY B 163 25.02 -1.49 -8.80
CA GLY B 163 25.77 -2.70 -8.62
C GLY B 163 25.24 -3.65 -7.58
N ARG B 164 24.13 -3.33 -6.97
CA ARG B 164 23.55 -4.21 -6.00
C ARG B 164 22.13 -3.75 -5.78
N GLN B 165 21.22 -4.81 -4.99
CA GLN B 165 19.78 -4.74 -4.89
C GLN B 165 19.49 -4.11 -3.61
N ALA B 166 19.21 -2.81 -3.65
CA ALA B 166 18.99 -2.04 -2.46
C ALA B 166 18.14 -0.87 -2.81
N GLY B 167 17.31 -0.47 -1.83
CA GLY B 167 16.39 0.64 -1.98
C GLY B 167 15.36 0.68 -0.86
N VAL B 168 14.39 1.55 -1.00
CA VAL B 168 13.34 1.68 -0.06
C VAL B 168 12.26 0.57 -0.41
N CYS B 169 11.45 0.27 0.62
CA CYS B 169 10.42 -0.74 0.56
C CYS B 169 9.24 -0.31 1.39
N PHE B 170 8.28 -1.23 1.59
CA PHE B 170 7.03 -0.91 2.18
C PHE B 170 7.32 -0.50 3.58
N GLY B 171 6.60 0.48 4.07
CA GLY B 171 6.92 1.00 5.46
C GLY B 171 7.96 2.16 5.45
N ASP B 172 8.75 2.28 4.38
CA ASP B 172 9.66 3.39 4.22
C ASP B 172 8.92 4.57 3.60
N SER B 173 7.70 4.29 3.05
CA SER B 173 6.83 5.37 2.52
C SER B 173 6.80 6.57 3.48
N GLY B 174 6.88 7.75 2.89
CA GLY B 174 6.84 8.98 3.65
C GLY B 174 8.12 9.49 4.33
N SER B 175 9.21 8.71 4.25
CA SER B 175 10.45 8.98 5.03
C SER B 175 11.28 9.93 4.20
N PRO B 176 12.17 10.71 4.83
CA PRO B 176 12.96 11.73 4.11
C PRO B 176 14.10 11.07 3.37
N LEU B 177 14.48 11.75 2.30
CA LEU B 177 15.69 11.56 1.57
C LEU B 177 16.46 12.81 1.94
N VAL B 178 17.62 12.62 2.53
CA VAL B 178 18.51 13.74 2.94
C VAL B 178 19.71 13.87 2.00
N CYS B 179 19.89 15.03 1.40
CA CYS B 179 20.98 15.29 0.49
C CYS B 179 21.59 16.61 0.92
N ASN B 180 22.91 16.60 1.09
CA ASN B 180 23.64 17.78 1.51
C ASN B 180 23.08 18.35 2.81
N GLY B 181 22.40 17.40 3.84
CA GLY B 181 21.83 18.06 5.00
C GLY B 181 20.40 18.52 4.85
N LEU B 182 19.85 18.38 3.67
CA LEU B 182 18.51 19.01 3.50
C LEU B 182 17.53 17.94 3.01
N ILE B 183 16.26 18.08 3.31
CA ILE B 183 15.27 17.08 2.98
C ILE B 183 14.80 17.35 1.56
N HIS B 184 15.36 16.60 0.62
CA HIS B 184 14.96 16.81 -0.72
C HIS B 184 13.89 15.85 -1.25
N GLY B 185 13.55 14.84 -0.48
CA GLY B 185 12.58 13.83 -0.95
C GLY B 185 11.80 13.31 0.18
N ILE B 186 10.68 12.76 -0.23
CA ILE B 186 9.81 12.00 0.63
C ILE B 186 9.54 10.72 -0.17
N ALA B 187 9.82 9.58 0.40
CA ALA B 187 9.67 8.28 -0.27
C ALA B 187 8.24 8.06 -0.80
N SER B 188 8.15 7.89 -2.13
CA SER B 188 6.87 7.78 -2.84
C SER B 188 6.57 6.43 -3.47
N PHE B 189 7.38 5.99 -4.41
CA PHE B 189 7.09 4.64 -5.04
C PHE B 189 8.31 3.99 -5.55
N VAL B 190 8.17 2.68 -5.78
CA VAL B 190 9.25 1.85 -6.38
C VAL B 190 8.71 1.27 -7.69
N ARG B 191 9.62 0.89 -8.53
CA ARG B 191 9.36 0.30 -9.84
C ARG B 191 10.12 -1.03 -9.93
N GLY B 192 9.50 -2.09 -10.42
CA GLY B 192 10.05 -3.45 -10.43
C GLY B 192 10.11 -4.02 -9.01
N GLY B 193 9.29 -3.46 -8.12
CA GLY B 193 9.25 -3.83 -6.72
C GLY B 193 10.41 -3.20 -5.93
N CYS B 194 10.54 -3.54 -4.65
CA CYS B 194 11.66 -3.08 -3.82
C CYS B 194 13.00 -3.63 -4.30
N ALA B 195 14.01 -2.78 -4.40
CA ALA B 195 15.40 -3.17 -4.61
C ALA B 195 15.61 -3.97 -5.87
N SER B 196 14.93 -3.34 -7.07
CA SER B 196 15.04 -4.15 -8.28
C SER B 196 16.42 -4.25 -8.79
N GLY B 197 17.29 -3.26 -8.58
CA GLY B 197 18.65 -3.35 -9.15
C GLY B 197 18.58 -2.90 -10.59
N LEU B 198 17.48 -2.29 -10.96
CA LEU B 198 17.09 -2.08 -12.33
C LEU B 198 16.41 -0.69 -12.54
N TYR B 199 15.57 -0.27 -11.59
CA TYR B 199 14.85 0.96 -11.69
C TYR B 199 15.13 1.80 -10.45
N PRO B 200 15.25 3.09 -10.66
CA PRO B 200 15.44 3.93 -9.47
C PRO B 200 14.24 4.05 -8.58
N ASP B 201 14.45 4.40 -7.34
CA ASP B 201 13.37 4.71 -6.40
C ASP B 201 12.97 6.20 -6.61
N ALA B 202 11.72 6.47 -6.33
CA ALA B 202 11.12 7.77 -6.62
C ALA B 202 10.61 8.40 -5.37
N PHE B 203 10.98 9.63 -5.20
CA PHE B 203 10.61 10.44 -4.06
C PHE B 203 9.85 11.65 -4.52
N ALA B 204 8.92 12.07 -3.69
CA ALA B 204 8.26 13.32 -3.91
C ALA B 204 9.34 14.51 -3.80
N PRO B 205 9.32 15.43 -4.75
CA PRO B 205 10.39 16.44 -4.79
C PRO B 205 10.07 17.59 -3.90
N VAL B 206 10.60 17.53 -2.72
CA VAL B 206 10.26 18.53 -1.68
C VAL B 206 10.57 19.94 -2.19
N ALA B 207 11.64 20.14 -2.91
CA ALA B 207 11.97 21.49 -3.42
C ALA B 207 10.89 22.08 -4.35
N GLN B 208 10.01 21.26 -4.96
CA GLN B 208 8.92 21.80 -5.80
C GLN B 208 7.80 22.34 -4.95
N PHE B 209 7.81 22.09 -3.63
CA PHE B 209 6.66 22.37 -2.73
C PHE B 209 7.00 23.29 -1.56
N VAL B 210 8.15 23.88 -1.60
CA VAL B 210 8.65 24.62 -0.44
C VAL B 210 7.81 25.83 -0.21
N ASN B 211 7.49 26.57 -1.31
CA ASN B 211 6.53 27.68 -1.23
C ASN B 211 5.28 27.21 -0.50
N TRP B 212 4.76 26.06 -0.88
CA TRP B 212 3.57 25.50 -0.16
C TRP B 212 3.77 25.16 1.28
N ILE B 213 4.90 24.58 1.57
CA ILE B 213 5.24 24.18 2.95
C ILE B 213 5.39 25.41 3.78
N ASP B 214 6.11 26.38 3.20
CA ASP B 214 6.28 27.72 3.88
C ASP B 214 4.96 28.42 4.12
N SER B 215 4.05 28.30 3.18
CA SER B 215 2.80 28.94 3.42
C SER B 215 2.12 28.45 4.69
N ILE B 216 2.51 27.25 5.19
CA ILE B 216 1.88 26.58 6.33
C ILE B 216 2.79 26.75 7.48
N ILE B 217 4.10 26.52 7.33
CA ILE B 217 4.92 26.49 8.53
C ILE B 217 5.43 27.87 8.83
N GLN B 218 5.36 28.79 7.85
CA GLN B 218 5.92 30.18 7.88
C GLN B 218 7.30 30.20 7.25
#